data_3GME
#
_entry.id   3GME
#
_cell.length_a   158.574
_cell.length_b   158.574
_cell.length_c   156.118
_cell.angle_alpha   90.00
_cell.angle_beta   90.00
_cell.angle_gamma   120.00
#
_symmetry.space_group_name_H-M   'H 3 2'
#
loop_
_entity.id
_entity.type
_entity.pdbx_description
1 polymer 'Polyribonucleotide nucleotidyltransferase'
2 polymer 'Ribonuclease E'
3 non-polymer 'MANGANESE (II) ION'
4 water water
#
loop_
_entity_poly.entity_id
_entity_poly.type
_entity_poly.pdbx_seq_one_letter_code
_entity_poly.pdbx_strand_id
1 'polypeptide(L)'
;MLNPIVRKFQYGQHTVTLETGMMARQATAAVMVSMDDTAVFVTVVGQKKAKPGQDFFPLTVNYQERTYAAGRIPGSFFRR
EGRPSEGETLIARLIDRPIRPLFPEGFVNEVQVIATVVSVNPQVNPDIVAMIGASAALSLSGIPFNGPIGAARVGYINDQ
YVLNPTQDELKESKLDLVVAGTEAAVLMVESEAELLSEDQMLGAVVFGHEQQQVVIQNINELVKEAGKPRWDWQPEPVNE
ALNARVAALAEARLSDAYRITDKQERYAQVDVIKSETIATLLAEDETLDENELGEILHAIEKNVVRSRVLAGEPRIDGRE
KDMIRGLDVRTGVLPRTHGSALFTRGETQALVTATLGTARDAQVLDELMGERTDTFLFHYNFPPYSVGETGMVGSPKRRE
IGHGRLAKRGVLAVMPDMDKFPYTVRVVSEITESNGSSSMASVCGASLALMDAGVPIKAAVAGIAMGLVKEGDNYVVLSD
ILGDEDHLGDMDFKVAGSRDGISALQMDIKIEGITKEIMQVALNQAKGARLHILGVMEQAINAPRGDIS
;
A
2 'polypeptide(L)' EAPRHSDWQRPTFAFEGKGAAGGHTATHHASAAPARPQPVE D
#
# COMPACT_ATOMS: atom_id res chain seq x y z
N MET A 1 25.62 5.92 -35.57
CA MET A 1 26.19 4.85 -34.76
C MET A 1 25.56 4.83 -33.37
N LEU A 2 25.12 3.64 -32.94
CA LEU A 2 24.49 3.48 -31.63
C LEU A 2 25.45 2.81 -30.65
N ASN A 3 25.53 3.38 -29.45
CA ASN A 3 26.41 2.84 -28.41
C ASN A 3 25.67 2.58 -27.10
N PRO A 4 25.50 1.30 -26.77
CA PRO A 4 24.81 0.92 -25.53
C PRO A 4 25.72 0.92 -24.30
N ILE A 5 25.31 1.66 -23.27
CA ILE A 5 26.03 1.68 -22.00
C ILE A 5 25.44 0.62 -21.07
N VAL A 6 26.24 -0.39 -20.74
CA VAL A 6 25.77 -1.56 -20.01
C VAL A 6 26.48 -1.74 -18.67
N ARG A 7 25.70 -1.99 -17.63
CA ARG A 7 26.23 -2.33 -16.31
C ARG A 7 25.49 -3.53 -15.72
N LYS A 8 26.26 -4.57 -15.39
CA LYS A 8 25.72 -5.79 -14.79
C LYS A 8 26.14 -5.91 -13.33
N PHE A 9 25.27 -6.51 -12.51
CA PHE A 9 25.58 -6.75 -11.10
C PHE A 9 24.78 -7.91 -10.51
N GLN A 10 25.38 -8.60 -9.54
CA GLN A 10 24.73 -9.72 -8.85
C GLN A 10 23.72 -9.21 -7.83
N TYR A 11 22.51 -9.77 -7.87
CA TYR A 11 21.45 -9.43 -6.93
C TYR A 11 20.75 -10.68 -6.44
N GLY A 12 21.27 -11.22 -5.34
CA GLY A 12 20.76 -12.47 -4.76
C GLY A 12 21.27 -13.68 -5.50
N GLN A 13 20.39 -14.29 -6.30
CA GLN A 13 20.74 -15.45 -7.11
C GLN A 13 20.68 -15.11 -8.61
N HIS A 14 20.49 -13.83 -8.92
CA HIS A 14 20.32 -13.37 -10.29
C HIS A 14 21.35 -12.30 -10.69
N THR A 15 21.43 -12.05 -11.99
CA THR A 15 22.28 -10.99 -12.53
C THR A 15 21.40 -9.94 -13.20
N VAL A 16 21.44 -8.72 -12.68
CA VAL A 16 20.64 -7.62 -13.21
C VAL A 16 21.42 -6.78 -14.20
N THR A 17 20.93 -6.72 -15.44
CA THR A 17 21.57 -5.99 -16.52
C THR A 17 20.85 -4.67 -16.80
N LEU A 18 21.57 -3.57 -16.88
CA LEU A 18 20.96 -2.29 -17.17
C LEU A 18 21.53 -1.71 -18.44
N GLU A 19 20.71 -1.49 -19.45
CA GLU A 19 21.18 -0.89 -20.67
C GLU A 19 20.55 0.44 -20.92
N THR A 20 21.34 1.43 -21.31
CA THR A 20 20.78 2.73 -21.65
C THR A 20 21.51 3.46 -22.77
N GLY A 21 20.98 4.61 -23.15
CA GLY A 21 21.62 5.49 -24.13
C GLY A 21 21.69 4.93 -25.54
N MET A 22 20.73 4.06 -25.88
CA MET A 22 20.67 3.47 -27.22
C MET A 22 19.23 3.39 -27.74
N MET A 23 18.34 2.78 -26.99
CA MET A 23 16.95 2.66 -27.36
C MET A 23 16.10 3.80 -26.81
N ALA A 24 15.15 4.26 -27.59
CA ALA A 24 14.28 5.36 -27.22
C ALA A 24 15.00 6.63 -26.77
N ARG A 25 15.73 7.24 -27.69
CA ARG A 25 16.57 8.38 -27.40
C ARG A 25 15.86 9.71 -27.27
N GLN A 26 14.61 9.80 -27.69
CA GLN A 26 13.81 11.01 -27.57
C GLN A 26 13.06 11.06 -26.27
N ALA A 27 13.24 10.05 -25.44
CA ALA A 27 12.66 10.05 -24.13
C ALA A 27 13.67 10.63 -23.17
N THR A 28 13.21 11.25 -22.11
CA THR A 28 14.11 11.82 -21.16
C THR A 28 15.14 10.80 -20.68
N ALA A 29 14.73 9.56 -20.51
CA ALA A 29 15.63 8.46 -20.27
C ALA A 29 14.89 7.17 -20.51
N ALA A 30 15.63 6.09 -20.68
CA ALA A 30 15.05 4.83 -21.04
C ALA A 30 16.01 3.74 -20.71
N VAL A 31 15.61 2.82 -19.85
CA VAL A 31 16.43 1.68 -19.52
C VAL A 31 15.81 0.37 -19.90
N MET A 32 16.64 -0.54 -20.36
CA MET A 32 16.31 -1.92 -20.50
C MET A 32 16.90 -2.72 -19.36
N VAL A 33 16.04 -3.12 -18.46
CA VAL A 33 16.40 -3.87 -17.28
C VAL A 33 16.14 -5.36 -17.44
N SER A 34 17.11 -6.20 -17.10
CA SER A 34 16.95 -7.64 -17.21
C SER A 34 17.47 -8.37 -15.97
N MET A 35 16.56 -8.94 -15.21
CA MET A 35 16.92 -9.84 -14.13
C MET A 35 16.80 -11.27 -14.59
N ASP A 36 17.94 -11.85 -14.91
CA ASP A 36 18.00 -13.11 -15.60
C ASP A 36 17.23 -13.01 -16.89
N ASP A 37 16.18 -13.77 -17.06
CA ASP A 37 15.50 -13.79 -18.34
C ASP A 37 14.29 -12.87 -18.44
N THR A 38 13.87 -12.33 -17.33
CA THR A 38 12.77 -11.37 -17.26
C THR A 38 13.28 -9.96 -17.56
N ALA A 39 12.64 -9.31 -18.53
CA ALA A 39 13.05 -7.98 -18.98
C ALA A 39 11.88 -6.99 -19.08
N VAL A 40 12.10 -5.79 -18.56
CA VAL A 40 11.11 -4.70 -18.63
C VAL A 40 11.76 -3.43 -19.17
N PHE A 41 11.22 -2.91 -20.28
CA PHE A 41 11.71 -1.68 -20.90
C PHE A 41 11.00 -0.47 -20.28
N VAL A 42 11.74 0.28 -19.48
CA VAL A 42 11.16 1.41 -18.74
C VAL A 42 11.62 2.75 -19.31
N THR A 43 10.65 3.63 -19.55
CA THR A 43 10.90 4.97 -20.11
C THR A 43 10.30 6.06 -19.24
N VAL A 44 11.00 7.19 -19.15
CA VAL A 44 10.51 8.35 -18.40
C VAL A 44 10.57 9.60 -19.28
N VAL A 45 9.44 10.31 -19.37
CA VAL A 45 9.37 11.57 -20.09
C VAL A 45 8.92 12.69 -19.15
N GLY A 46 9.80 13.66 -18.95
CA GLY A 46 9.49 14.83 -18.12
C GLY A 46 9.44 16.09 -18.97
N GLN A 47 8.32 16.82 -18.84
CA GLN A 47 8.13 18.06 -19.59
C GLN A 47 8.99 19.18 -19.03
N LYS A 48 9.63 19.93 -19.93
CA LYS A 48 10.58 21.00 -19.57
C LYS A 48 9.91 22.17 -18.84
N LYS A 49 8.69 22.50 -19.25
CA LYS A 49 7.96 23.63 -18.69
C LYS A 49 6.67 23.19 -18.00
N ALA A 50 6.39 23.79 -16.84
CA ALA A 50 5.17 23.53 -16.10
C ALA A 50 4.00 24.37 -16.63
N LYS A 51 2.80 23.82 -16.56
CA LYS A 51 1.59 24.50 -17.02
C LYS A 51 1.23 25.67 -16.11
N PRO A 52 0.60 26.73 -16.66
CA PRO A 52 0.28 27.98 -15.95
C PRO A 52 -0.36 27.79 -14.58
N GLY A 53 -1.62 27.34 -14.56
CA GLY A 53 -2.38 27.20 -13.31
C GLY A 53 -2.46 25.78 -12.80
N GLN A 54 -1.30 25.16 -12.59
CA GLN A 54 -1.23 23.81 -12.05
C GLN A 54 -1.22 23.81 -10.53
N ASP A 55 -2.11 23.03 -9.95
CA ASP A 55 -2.29 22.95 -8.50
C ASP A 55 -1.63 21.72 -7.87
N PHE A 56 -1.44 20.66 -8.67
CA PHE A 56 -0.82 19.43 -8.18
C PHE A 56 0.30 18.92 -9.10
N PHE A 57 1.05 17.95 -8.61
CA PHE A 57 2.11 17.31 -9.38
C PHE A 57 1.57 16.09 -10.14
N PRO A 58 1.59 16.14 -11.48
CA PRO A 58 1.02 15.07 -12.30
C PRO A 58 2.01 13.95 -12.60
N LEU A 59 1.89 12.85 -11.87
CA LEU A 59 2.72 11.67 -12.09
C LEU A 59 1.85 10.50 -12.53
N THR A 60 2.17 9.93 -13.69
CA THR A 60 1.44 8.80 -14.24
C THR A 60 2.39 7.64 -14.52
N VAL A 61 2.19 6.54 -13.80
CA VAL A 61 2.98 5.33 -13.99
C VAL A 61 2.15 4.27 -14.72
N ASN A 62 2.62 3.89 -15.90
CA ASN A 62 1.94 2.91 -16.74
C ASN A 62 2.71 1.61 -16.87
N TYR A 63 2.11 0.54 -16.36
CA TYR A 63 2.68 -0.79 -16.46
C TYR A 63 1.90 -1.69 -17.40
N GLN A 64 2.60 -2.39 -18.28
CA GLN A 64 1.94 -3.22 -19.24
C GLN A 64 2.71 -4.46 -19.58
N GLU A 65 2.11 -5.62 -19.39
CA GLU A 65 2.75 -6.86 -19.81
C GLU A 65 2.38 -7.33 -21.21
N ARG A 66 3.36 -7.64 -22.03
CA ARG A 66 3.12 -8.12 -23.36
C ARG A 66 2.97 -9.61 -23.40
N THR A 67 2.08 -10.08 -24.25
CA THR A 67 1.85 -11.52 -24.41
C THR A 67 3.00 -12.23 -25.11
N TYR A 68 3.77 -11.50 -25.91
CA TYR A 68 4.92 -12.06 -26.60
C TYR A 68 6.12 -12.28 -25.68
N ALA A 69 6.05 -11.68 -24.48
CA ALA A 69 7.10 -11.80 -23.47
C ALA A 69 7.26 -13.24 -22.97
N ALA A 70 6.13 -13.93 -22.82
CA ALA A 70 6.13 -15.34 -22.41
C ALA A 70 6.14 -16.28 -23.61
N GLY A 71 6.08 -15.70 -24.81
CA GLY A 71 6.04 -16.47 -26.05
C GLY A 71 4.65 -17.00 -26.34
N ARG A 72 3.64 -16.15 -26.15
CA ARG A 72 2.25 -16.54 -26.34
C ARG A 72 1.52 -15.60 -27.30
N ILE A 73 0.46 -16.13 -27.93
CA ILE A 73 -0.42 -15.34 -28.80
C ILE A 73 -1.80 -15.24 -28.13
N PRO A 74 -2.31 -14.00 -27.96
CA PRO A 74 -3.60 -13.76 -27.31
C PRO A 74 -4.76 -14.48 -28.00
N GLY A 75 -5.66 -15.05 -27.21
CA GLY A 75 -6.85 -15.71 -27.71
C GLY A 75 -7.96 -14.71 -27.97
N SER A 76 -8.85 -14.56 -27.00
CA SER A 76 -9.97 -13.63 -27.12
C SER A 76 -9.80 -12.43 -26.19
N PHE A 77 -8.55 -12.06 -25.95
CA PHE A 77 -8.24 -10.93 -25.08
C PHE A 77 -7.04 -10.14 -25.60
N ARG A 83 -6.79 -0.48 -21.71
CA ARG A 83 -7.45 -1.24 -20.67
C ARG A 83 -6.48 -2.19 -19.98
N PRO A 84 -5.91 -1.76 -18.86
CA PRO A 84 -4.95 -2.57 -18.11
C PRO A 84 -5.65 -3.47 -17.10
N SER A 85 -5.16 -4.70 -16.95
CA SER A 85 -5.75 -5.65 -16.00
C SER A 85 -5.49 -5.23 -14.56
N GLU A 86 -6.12 -5.94 -13.62
CA GLU A 86 -5.96 -5.66 -12.19
C GLU A 86 -4.53 -5.84 -11.70
N GLY A 87 -3.85 -6.86 -12.23
CA GLY A 87 -2.45 -7.12 -11.90
C GLY A 87 -1.51 -6.05 -12.42
N GLU A 88 -1.81 -5.54 -13.61
CA GLU A 88 -1.01 -4.47 -14.22
C GLU A 88 -1.17 -3.14 -13.51
N THR A 89 -2.36 -2.90 -12.97
CA THR A 89 -2.66 -1.66 -12.24
C THR A 89 -2.03 -1.67 -10.85
N LEU A 90 -2.00 -2.83 -10.20
CA LEU A 90 -1.40 -2.99 -8.87
C LEU A 90 0.12 -2.83 -8.89
N ILE A 91 0.76 -3.38 -9.91
CA ILE A 91 2.21 -3.26 -10.09
C ILE A 91 2.61 -1.83 -10.46
N ALA A 92 1.74 -1.16 -11.23
CA ALA A 92 1.93 0.26 -11.57
C ALA A 92 1.93 1.13 -10.32
N ARG A 93 1.13 0.75 -9.32
CA ARG A 93 1.11 1.45 -8.04
C ARG A 93 2.30 1.08 -7.15
N LEU A 94 2.83 -0.13 -7.33
CA LEU A 94 4.03 -0.57 -6.62
C LEU A 94 5.27 0.19 -7.10
N ILE A 95 5.16 0.79 -8.28
CA ILE A 95 6.21 1.65 -8.82
C ILE A 95 5.95 3.11 -8.45
N ASP A 96 4.67 3.50 -8.46
CA ASP A 96 4.25 4.88 -8.20
C ASP A 96 4.49 5.33 -6.76
N ARG A 97 4.17 4.45 -5.81
CA ARG A 97 4.23 4.78 -4.38
C ARG A 97 5.60 5.21 -3.85
N PRO A 98 6.68 4.44 -4.15
CA PRO A 98 7.99 4.84 -3.64
C PRO A 98 8.62 6.05 -4.35
N ILE A 99 8.30 6.25 -5.63
CA ILE A 99 8.94 7.31 -6.43
C ILE A 99 8.31 8.70 -6.25
N ARG A 100 7.03 8.73 -5.86
CA ARG A 100 6.26 9.97 -5.77
C ARG A 100 6.79 10.99 -4.74
N PRO A 101 7.11 10.55 -3.50
CA PRO A 101 7.53 11.55 -2.51
C PRO A 101 9.01 11.95 -2.61
N LEU A 102 9.68 11.53 -3.68
CA LEU A 102 11.10 11.86 -3.88
C LEU A 102 11.30 13.07 -4.77
N PHE A 103 10.28 13.42 -5.56
CA PHE A 103 10.28 14.66 -6.32
C PHE A 103 10.15 15.83 -5.36
N PRO A 104 11.06 16.83 -5.46
CA PRO A 104 11.13 17.95 -4.53
C PRO A 104 9.81 18.69 -4.37
N GLU A 105 9.56 19.21 -3.16
CA GLU A 105 8.31 19.91 -2.85
C GLU A 105 8.21 21.22 -3.63
N GLY A 106 7.26 21.25 -4.55
CA GLY A 106 7.09 22.39 -5.45
C GLY A 106 7.22 22.03 -6.91
N PHE A 107 7.77 20.84 -7.18
CA PHE A 107 7.92 20.35 -8.55
C PHE A 107 6.55 19.98 -9.13
N VAL A 108 6.24 20.62 -10.25
CA VAL A 108 4.88 20.60 -10.81
C VAL A 108 4.86 20.12 -12.27
N ASN A 109 6.04 19.95 -12.87
CA ASN A 109 6.17 19.49 -14.25
C ASN A 109 5.62 18.07 -14.46
N GLU A 110 5.04 17.84 -15.64
CA GLU A 110 4.41 16.56 -15.96
C GLU A 110 5.44 15.47 -16.26
N VAL A 111 5.41 14.42 -15.44
CA VAL A 111 6.33 13.28 -15.58
C VAL A 111 5.52 12.00 -15.77
N GLN A 112 5.86 11.23 -16.80
CA GLN A 112 5.21 9.95 -17.07
C GLN A 112 6.22 8.81 -17.16
N VAL A 113 5.97 7.74 -16.40
CA VAL A 113 6.81 6.55 -16.41
C VAL A 113 6.06 5.42 -17.11
N ILE A 114 6.65 4.89 -18.17
CA ILE A 114 6.05 3.78 -18.93
C ILE A 114 6.96 2.55 -18.88
N ALA A 115 6.46 1.50 -18.23
CA ALA A 115 7.20 0.24 -18.11
C ALA A 115 6.48 -0.88 -18.87
N THR A 116 7.15 -1.41 -19.89
CA THR A 116 6.59 -2.50 -20.70
C THR A 116 7.44 -3.76 -20.63
N VAL A 117 6.81 -4.88 -20.29
CA VAL A 117 7.49 -6.16 -20.17
C VAL A 117 7.68 -6.77 -21.56
N VAL A 118 8.94 -6.97 -21.92
CA VAL A 118 9.30 -7.51 -23.25
C VAL A 118 9.73 -8.97 -23.20
N SER A 119 10.17 -9.41 -22.02
CA SER A 119 10.56 -10.79 -21.77
C SER A 119 10.26 -11.16 -20.33
N VAL A 120 9.88 -12.41 -20.09
CA VAL A 120 9.54 -12.86 -18.74
C VAL A 120 9.88 -14.34 -18.48
N ASN A 121 10.68 -14.56 -17.43
CA ASN A 121 10.93 -15.88 -16.89
C ASN A 121 9.80 -16.23 -15.91
N PRO A 122 9.19 -17.41 -16.07
CA PRO A 122 8.08 -17.84 -15.21
C PRO A 122 8.40 -17.90 -13.71
N GLN A 123 9.69 -17.86 -13.37
CA GLN A 123 10.13 -17.89 -11.98
C GLN A 123 10.48 -16.51 -11.43
N VAL A 124 10.96 -15.63 -12.30
CA VAL A 124 11.34 -14.27 -11.91
C VAL A 124 10.22 -13.27 -12.22
N ASN A 125 9.70 -12.66 -11.16
CA ASN A 125 8.58 -11.72 -11.27
C ASN A 125 9.03 -10.35 -11.80
N PRO A 126 8.39 -9.89 -12.90
CA PRO A 126 8.72 -8.61 -13.56
C PRO A 126 8.47 -7.35 -12.72
N ASP A 127 7.73 -7.47 -11.63
CA ASP A 127 7.36 -6.31 -10.80
C ASP A 127 8.55 -5.64 -10.12
N ILE A 128 9.52 -6.44 -9.68
CA ILE A 128 10.75 -5.94 -9.08
C ILE A 128 11.66 -5.36 -10.16
N VAL A 129 11.65 -6.00 -11.33
CA VAL A 129 12.45 -5.57 -12.49
C VAL A 129 12.00 -4.19 -12.99
N ALA A 130 10.69 -3.96 -12.97
CA ALA A 130 10.11 -2.69 -13.41
C ALA A 130 10.38 -1.56 -12.42
N MET A 131 10.43 -1.90 -11.13
CA MET A 131 10.71 -0.93 -10.06
C MET A 131 12.16 -0.45 -10.08
N ILE A 132 13.08 -1.37 -10.40
CA ILE A 132 14.49 -1.04 -10.58
C ILE A 132 14.68 -0.21 -11.85
N GLY A 133 13.90 -0.55 -12.89
CA GLY A 133 13.93 0.17 -14.16
C GLY A 133 13.49 1.62 -14.07
N ALA A 134 12.46 1.86 -13.27
CA ALA A 134 11.98 3.22 -13.02
C ALA A 134 12.96 4.00 -12.15
N SER A 135 13.63 3.31 -11.24
CA SER A 135 14.65 3.89 -10.38
C SER A 135 15.89 4.29 -11.18
N ALA A 136 16.23 3.47 -12.18
CA ALA A 136 17.36 3.73 -13.05
C ALA A 136 17.07 4.86 -14.04
N ALA A 137 15.86 4.86 -14.59
CA ALA A 137 15.45 5.86 -15.58
C ALA A 137 15.31 7.26 -15.00
N LEU A 138 14.70 7.36 -13.83
CA LEU A 138 14.49 8.66 -13.16
C LEU A 138 15.80 9.30 -12.67
N SER A 139 16.80 8.46 -12.41
CA SER A 139 18.11 8.93 -11.96
C SER A 139 19.00 9.35 -13.13
N LEU A 140 18.86 8.65 -14.25
CA LEU A 140 19.65 8.95 -15.46
C LEU A 140 19.08 10.12 -16.26
N SER A 141 17.81 10.44 -16.03
CA SER A 141 17.09 11.48 -16.77
C SER A 141 17.63 12.89 -16.54
N GLY A 142 17.97 13.19 -15.28
CA GLY A 142 18.37 14.54 -14.89
C GLY A 142 17.25 15.27 -14.19
N ILE A 143 16.02 14.77 -14.36
CA ILE A 143 14.84 15.29 -13.68
C ILE A 143 15.03 15.20 -12.16
N PRO A 144 14.79 16.31 -11.43
CA PRO A 144 14.98 16.35 -9.98
C PRO A 144 14.24 15.20 -9.28
N PHE A 145 15.02 14.26 -8.78
CA PHE A 145 14.50 13.03 -8.17
C PHE A 145 15.49 12.56 -7.10
N ASN A 146 15.05 12.57 -5.85
CA ASN A 146 15.91 12.28 -4.71
C ASN A 146 16.13 10.78 -4.45
N GLY A 147 16.38 10.03 -5.52
CA GLY A 147 16.66 8.61 -5.42
C GLY A 147 18.16 8.32 -5.43
N PRO A 148 18.57 7.17 -5.97
CA PRO A 148 17.71 6.11 -6.51
C PRO A 148 17.18 5.16 -5.44
N ILE A 149 16.07 4.49 -5.74
CA ILE A 149 15.47 3.52 -4.81
C ILE A 149 15.82 2.08 -5.16
N GLY A 150 15.80 1.22 -4.15
CA GLY A 150 15.97 -0.21 -4.35
C GLY A 150 14.64 -0.95 -4.32
N ALA A 151 14.63 -2.17 -4.83
CA ALA A 151 13.43 -3.00 -4.85
C ALA A 151 13.77 -4.43 -4.47
N ALA A 152 13.11 -4.95 -3.44
CA ALA A 152 13.39 -6.29 -2.93
C ALA A 152 12.13 -7.02 -2.46
N ARG A 153 11.99 -8.26 -2.93
CA ARG A 153 10.96 -9.16 -2.41
C ARG A 153 11.58 -10.05 -1.32
N VAL A 154 10.93 -10.09 -0.17
CA VAL A 154 11.44 -10.85 0.98
C VAL A 154 10.52 -12.03 1.31
N GLY A 155 11.10 -13.23 1.31
CA GLY A 155 10.40 -14.44 1.71
C GLY A 155 10.81 -14.89 3.09
N TYR A 156 10.15 -15.95 3.58
CA TYR A 156 10.46 -16.50 4.90
C TYR A 156 10.37 -18.03 4.89
N ILE A 157 11.44 -18.67 4.42
CA ILE A 157 11.52 -20.13 4.32
C ILE A 157 12.46 -20.69 5.38
N ASN A 158 11.98 -21.68 6.12
CA ASN A 158 12.74 -22.34 7.20
C ASN A 158 13.31 -21.36 8.24
N ASP A 159 12.44 -20.47 8.72
CA ASP A 159 12.78 -19.45 9.73
C ASP A 159 13.89 -18.48 9.31
N GLN A 160 14.11 -18.35 8.00
CA GLN A 160 15.15 -17.48 7.46
C GLN A 160 14.62 -16.60 6.33
N TYR A 161 15.14 -15.38 6.24
CA TYR A 161 14.74 -14.43 5.21
C TYR A 161 15.41 -14.76 3.87
N VAL A 162 14.62 -14.76 2.79
CA VAL A 162 15.13 -15.06 1.46
C VAL A 162 14.94 -13.86 0.53
N LEU A 163 16.03 -13.40 -0.06
CA LEU A 163 16.01 -12.28 -1.00
C LEU A 163 15.52 -12.72 -2.38
N ASN A 164 14.52 -12.01 -2.89
CA ASN A 164 13.88 -12.30 -4.18
C ASN A 164 13.61 -13.79 -4.43
N PRO A 165 12.67 -14.37 -3.66
CA PRO A 165 12.32 -15.78 -3.86
C PRO A 165 11.54 -16.00 -5.16
N THR A 166 11.83 -17.12 -5.84
CA THR A 166 11.14 -17.48 -7.07
C THR A 166 9.72 -17.97 -6.80
N GLN A 167 8.93 -18.12 -7.85
CA GLN A 167 7.52 -18.54 -7.73
C GLN A 167 7.36 -19.91 -7.07
N ASP A 168 8.34 -20.79 -7.28
CA ASP A 168 8.36 -22.10 -6.62
C ASP A 168 8.78 -21.99 -5.15
N GLU A 169 9.63 -21.01 -4.85
CA GLU A 169 10.09 -20.77 -3.48
C GLU A 169 9.03 -20.04 -2.64
N LEU A 170 8.12 -19.33 -3.30
CA LEU A 170 7.00 -18.64 -2.64
C LEU A 170 5.95 -19.62 -2.12
N LYS A 171 5.96 -20.83 -2.68
CA LYS A 171 5.07 -21.90 -2.23
C LYS A 171 5.44 -22.39 -0.83
N GLU A 172 6.74 -22.37 -0.54
CA GLU A 172 7.26 -22.79 0.76
C GLU A 172 7.32 -21.62 1.75
N SER A 173 7.34 -20.41 1.22
CA SER A 173 7.49 -19.19 2.02
C SER A 173 6.23 -18.84 2.82
N LYS A 174 6.45 -18.27 4.01
CA LYS A 174 5.37 -17.79 4.85
C LYS A 174 5.25 -16.26 4.79
N LEU A 175 5.86 -15.68 3.75
CA LEU A 175 5.91 -14.22 3.59
C LEU A 175 6.10 -13.82 2.11
N ASP A 176 5.38 -12.78 1.71
CA ASP A 176 5.54 -12.19 0.38
C ASP A 176 5.61 -10.67 0.51
N LEU A 177 6.73 -10.20 1.05
CA LEU A 177 6.93 -8.78 1.35
C LEU A 177 7.73 -8.09 0.25
N VAL A 178 7.20 -6.96 -0.23
CA VAL A 178 7.89 -6.13 -1.22
C VAL A 178 8.26 -4.79 -0.59
N VAL A 179 9.56 -4.52 -0.51
CA VAL A 179 10.08 -3.32 0.14
C VAL A 179 10.80 -2.39 -0.85
N ALA A 180 10.57 -1.09 -0.71
CA ALA A 180 11.21 -0.08 -1.55
C ALA A 180 11.62 1.14 -0.74
N GLY A 181 12.77 1.71 -1.09
CA GLY A 181 13.30 2.88 -0.39
C GLY A 181 14.69 3.29 -0.84
N THR A 182 15.11 4.48 -0.41
CA THR A 182 16.41 5.03 -0.77
C THR A 182 17.54 4.47 0.09
N GLU A 183 18.72 5.08 0.00
CA GLU A 183 19.87 4.73 0.83
C GLU A 183 19.64 5.14 2.29
N ALA A 184 18.89 6.21 2.49
CA ALA A 184 18.64 6.76 3.81
C ALA A 184 17.55 6.02 4.59
N ALA A 185 16.35 5.91 3.99
CA ALA A 185 15.20 5.35 4.69
C ALA A 185 14.24 4.56 3.78
N VAL A 186 13.42 3.73 4.41
CA VAL A 186 12.39 2.94 3.72
C VAL A 186 11.21 3.85 3.35
N LEU A 187 10.67 3.64 2.15
CA LEU A 187 9.56 4.45 1.67
C LEU A 187 8.25 3.67 1.63
N MET A 188 8.25 2.56 0.88
CA MET A 188 7.06 1.74 0.73
C MET A 188 7.23 0.37 1.38
N VAL A 189 6.13 -0.33 1.57
CA VAL A 189 6.13 -1.71 1.99
C VAL A 189 4.78 -2.30 1.66
N GLU A 190 4.78 -3.41 0.94
CA GLU A 190 3.54 -4.13 0.63
C GLU A 190 3.78 -5.62 0.86
N SER A 191 3.00 -6.23 1.72
CA SER A 191 3.21 -7.60 2.04
C SER A 191 1.99 -8.45 2.37
N GLU A 192 2.23 -9.74 2.48
CA GLU A 192 1.25 -10.73 2.77
C GLU A 192 1.97 -11.79 3.55
N ALA A 193 1.42 -12.22 4.67
CA ALA A 193 2.09 -13.14 5.55
C ALA A 193 1.17 -14.18 6.16
N GLU A 194 1.75 -15.26 6.65
CA GLU A 194 0.99 -16.26 7.35
C GLU A 194 1.09 -16.10 8.84
N LEU A 195 0.57 -15.01 9.37
CA LEU A 195 0.53 -14.74 10.79
C LEU A 195 1.88 -14.73 11.46
N LEU A 196 2.75 -13.86 10.99
CA LEU A 196 4.07 -13.68 11.48
C LEU A 196 4.06 -12.61 12.57
N SER A 197 4.94 -12.69 13.53
CA SER A 197 5.06 -11.71 14.62
C SER A 197 5.57 -10.36 14.13
N GLU A 198 5.44 -9.35 15.00
CA GLU A 198 5.85 -7.97 14.69
C GLU A 198 7.35 -7.84 14.39
N ASP A 199 8.17 -8.60 15.11
CA ASP A 199 9.62 -8.60 14.91
C ASP A 199 10.03 -9.34 13.63
N GLN A 200 9.26 -10.35 13.26
CA GLN A 200 9.50 -11.11 12.03
C GLN A 200 9.14 -10.28 10.79
N MET A 201 8.13 -9.44 10.93
CA MET A 201 7.69 -8.61 9.85
C MET A 201 8.60 -7.46 9.71
N LEU A 202 9.05 -6.91 10.82
CA LEU A 202 9.95 -5.79 10.79
C LEU A 202 11.35 -6.15 10.40
N GLY A 203 11.78 -7.30 10.81
CA GLY A 203 13.05 -7.78 10.37
C GLY A 203 13.14 -7.95 8.89
N ALA A 204 12.02 -8.28 8.24
CA ALA A 204 11.96 -8.48 6.79
C ALA A 204 12.12 -7.16 6.03
N VAL A 205 11.60 -6.08 6.60
CA VAL A 205 11.71 -4.74 6.03
C VAL A 205 13.17 -4.27 6.06
N VAL A 206 13.84 -4.52 7.18
CA VAL A 206 15.25 -4.16 7.34
C VAL A 206 16.15 -5.02 6.45
N PHE A 207 15.86 -6.32 6.39
CA PHE A 207 16.59 -7.26 5.54
C PHE A 207 16.56 -6.83 4.08
N GLY A 208 15.36 -6.56 3.56
CA GLY A 208 15.18 -6.16 2.18
C GLY A 208 15.78 -4.81 1.84
N HIS A 209 15.72 -3.88 2.79
CA HIS A 209 16.28 -2.54 2.62
C HIS A 209 17.81 -2.56 2.59
N GLU A 210 18.40 -3.47 3.35
CA GLU A 210 19.85 -3.64 3.39
C GLU A 210 20.37 -4.37 2.15
N GLN A 211 19.58 -5.31 1.64
CA GLN A 211 19.95 -6.10 0.47
C GLN A 211 19.81 -5.31 -0.85
N GLN A 212 18.87 -4.38 -0.89
CA GLN A 212 18.60 -3.58 -2.09
C GLN A 212 19.58 -2.40 -2.26
N GLN A 213 20.53 -2.29 -1.34
CA GLN A 213 21.54 -1.22 -1.39
C GLN A 213 22.48 -1.37 -2.58
N VAL A 214 22.72 -2.61 -2.99
CA VAL A 214 23.57 -2.91 -4.16
C VAL A 214 22.93 -2.42 -5.47
N VAL A 215 21.59 -2.38 -5.49
CA VAL A 215 20.84 -1.84 -6.63
C VAL A 215 21.04 -0.33 -6.72
N ILE A 216 20.95 0.35 -5.58
CA ILE A 216 21.14 1.80 -5.48
C ILE A 216 22.56 2.20 -5.86
N GLN A 217 23.55 1.42 -5.40
CA GLN A 217 24.96 1.67 -5.68
C GLN A 217 25.30 1.54 -7.16
N ASN A 218 24.69 0.57 -7.83
CA ASN A 218 24.95 0.31 -9.25
C ASN A 218 24.25 1.27 -10.20
N ILE A 219 23.10 1.80 -9.78
CA ILE A 219 22.40 2.84 -10.54
C ILE A 219 23.20 4.15 -10.44
N ASN A 220 23.70 4.44 -9.24
CA ASN A 220 24.54 5.61 -8.99
C ASN A 220 25.78 5.67 -9.89
N GLU A 221 26.44 4.52 -10.06
CA GLU A 221 27.61 4.42 -10.92
C GLU A 221 27.25 4.56 -12.39
N LEU A 222 26.06 4.06 -12.76
CA LEU A 222 25.54 4.20 -14.12
C LEU A 222 25.20 5.66 -14.44
N VAL A 223 24.77 6.40 -13.43
CA VAL A 223 24.51 7.83 -13.54
C VAL A 223 25.83 8.62 -13.67
N LYS A 224 26.86 8.14 -12.98
CA LYS A 224 28.20 8.74 -13.07
C LYS A 224 28.82 8.56 -14.45
N GLU A 225 28.37 7.54 -15.17
CA GLU A 225 28.91 7.20 -16.49
C GLU A 225 28.06 7.69 -17.66
N ALA A 226 26.74 7.54 -17.54
CA ALA A 226 25.82 7.85 -18.65
C ALA A 226 24.65 8.76 -18.27
N GLY A 227 24.70 9.34 -17.07
CA GLY A 227 23.64 10.21 -16.58
C GLY A 227 23.62 11.57 -17.24
N LYS A 228 22.42 12.00 -17.64
CA LYS A 228 22.23 13.33 -18.23
C LYS A 228 22.35 14.41 -17.16
N PRO A 229 22.92 15.59 -17.53
CA PRO A 229 23.08 16.71 -16.61
C PRO A 229 21.78 17.05 -15.86
N ARG A 230 21.90 17.26 -14.55
CA ARG A 230 20.75 17.54 -13.69
C ARG A 230 20.00 18.80 -14.11
N TRP A 231 18.67 18.70 -14.11
CA TRP A 231 17.79 19.81 -14.46
C TRP A 231 18.00 21.00 -13.53
N ASP A 232 18.30 22.16 -14.13
CA ASP A 232 18.46 23.39 -13.37
C ASP A 232 17.09 23.93 -12.95
N TRP A 233 16.62 23.44 -11.80
CA TRP A 233 15.29 23.77 -11.30
C TRP A 233 15.33 24.25 -9.86
N GLN A 234 14.52 25.26 -9.56
CA GLN A 234 14.32 25.76 -8.20
C GLN A 234 12.89 26.25 -8.00
N PRO A 235 12.28 25.97 -6.83
CA PRO A 235 10.89 26.35 -6.59
C PRO A 235 10.72 27.86 -6.39
N GLU A 236 9.49 28.34 -6.55
CA GLU A 236 9.17 29.75 -6.35
C GLU A 236 9.37 30.13 -4.88
N PRO A 237 10.23 31.13 -4.62
CA PRO A 237 10.67 31.54 -3.28
C PRO A 237 9.54 31.80 -2.29
N VAL A 238 9.78 31.49 -1.03
CA VAL A 238 8.79 31.66 0.04
C VAL A 238 8.59 33.14 0.36
N ASN A 239 7.38 33.63 0.11
CA ASN A 239 7.01 35.03 0.35
C ASN A 239 6.33 35.19 1.70
N GLU A 240 7.02 35.85 2.63
CA GLU A 240 6.54 36.03 4.00
C GLU A 240 5.46 37.10 4.12
N ALA A 241 5.39 38.00 3.13
CA ALA A 241 4.42 39.10 3.12
C ALA A 241 2.98 38.62 3.05
N LEU A 242 2.76 37.49 2.37
CA LEU A 242 1.43 36.88 2.28
C LEU A 242 1.26 35.71 3.25
N ASN A 243 2.39 35.09 3.63
CA ASN A 243 2.38 33.96 4.56
C ASN A 243 2.09 34.38 6.01
N ALA A 244 2.77 35.43 6.47
CA ALA A 244 2.61 35.94 7.83
C ALA A 244 1.34 36.77 7.99
N ARG A 245 0.78 37.23 6.87
CA ARG A 245 -0.46 38.02 6.87
C ARG A 245 -1.68 37.15 7.16
N VAL A 246 -1.79 36.03 6.46
CA VAL A 246 -2.90 35.10 6.63
C VAL A 246 -2.51 33.92 7.53
N THR A 261 -15.87 16.87 16.21
CA THR A 261 -15.86 15.42 16.22
C THR A 261 -16.30 14.83 14.89
N ASP A 262 -17.34 15.42 14.30
CA ASP A 262 -17.87 14.98 13.00
C ASP A 262 -16.99 15.45 11.86
N LYS A 263 -16.80 14.57 10.87
CA LYS A 263 -15.96 14.86 9.71
C LYS A 263 -16.63 15.78 8.70
N GLN A 264 -17.91 15.56 8.46
CA GLN A 264 -18.69 16.35 7.50
C GLN A 264 -18.91 17.79 7.96
N GLU A 265 -19.05 17.96 9.27
CA GLU A 265 -19.28 19.29 9.84
C GLU A 265 -18.01 20.12 9.88
N ARG A 266 -16.89 19.46 10.18
CA ARG A 266 -15.60 20.13 10.25
C ARG A 266 -15.04 20.43 8.86
N TYR A 267 -15.12 19.44 7.97
CA TYR A 267 -14.62 19.59 6.61
C TYR A 267 -15.78 19.75 5.63
N LEU A 297 -4.25 28.91 0.63
CA LEU A 297 -4.13 27.59 1.23
C LEU A 297 -4.12 27.67 2.75
N HIS A 298 -4.68 26.66 3.39
CA HIS A 298 -4.74 26.61 4.85
C HIS A 298 -3.56 25.83 5.42
N ALA A 299 -2.36 26.20 4.99
CA ALA A 299 -1.14 25.53 5.46
C ALA A 299 -0.93 25.79 6.95
N ILE A 300 -1.47 26.90 7.43
CA ILE A 300 -1.43 27.25 8.86
C ILE A 300 -2.36 26.36 9.67
N GLU A 301 -3.54 26.09 9.13
CA GLU A 301 -4.52 25.20 9.77
C GLU A 301 -4.02 23.75 9.79
N LYS A 302 -3.23 23.40 8.78
CA LYS A 302 -2.56 22.10 8.70
C LYS A 302 -1.45 21.99 9.74
N ASN A 303 -0.78 23.12 9.98
CA ASN A 303 0.30 23.22 10.96
C ASN A 303 -0.21 23.17 12.40
N VAL A 304 -1.37 23.77 12.64
CA VAL A 304 -2.01 23.79 13.97
C VAL A 304 -2.30 22.37 14.47
N VAL A 305 -2.83 21.53 13.59
CA VAL A 305 -3.12 20.13 13.91
C VAL A 305 -1.84 19.35 14.24
N ARG A 306 -0.81 19.53 13.41
CA ARG A 306 0.49 18.89 13.61
C ARG A 306 1.14 19.30 14.93
N SER A 307 1.06 20.59 15.26
CA SER A 307 1.63 21.13 16.50
C SER A 307 0.87 20.69 17.74
N ARG A 308 -0.45 20.49 17.59
CA ARG A 308 -1.31 20.02 18.67
C ARG A 308 -1.02 18.57 19.06
N VAL A 309 -0.79 17.73 18.05
CA VAL A 309 -0.51 16.31 18.25
C VAL A 309 0.84 16.09 18.93
N LEU A 310 1.85 16.85 18.50
CA LEU A 310 3.20 16.77 19.06
C LEU A 310 3.28 17.27 20.51
N ALA A 311 2.42 18.22 20.84
CA ALA A 311 2.38 18.79 22.19
C ALA A 311 1.76 17.83 23.20
N GLY A 312 0.83 16.99 22.72
CA GLY A 312 0.16 16.01 23.58
C GLY A 312 -1.32 16.34 23.80
N GLU A 313 -1.82 17.32 23.06
CA GLU A 313 -3.21 17.75 23.14
C GLU A 313 -4.13 16.77 22.39
N PRO A 314 -5.40 16.67 22.83
CA PRO A 314 -6.39 15.80 22.16
C PRO A 314 -6.50 16.07 20.66
N ARG A 315 -6.77 15.01 19.90
CA ARG A 315 -6.85 15.08 18.44
C ARG A 315 -8.08 15.87 17.97
N ILE A 316 -8.20 16.04 16.65
CA ILE A 316 -9.26 16.84 16.03
C ILE A 316 -10.65 16.44 16.52
N ASP A 317 -10.90 15.13 16.61
CA ASP A 317 -12.19 14.60 17.05
C ASP A 317 -12.30 14.49 18.57
N GLY A 318 -11.18 14.63 19.27
CA GLY A 318 -11.16 14.62 20.73
C GLY A 318 -10.49 13.40 21.35
N ARG A 319 -10.07 12.45 20.51
CA ARG A 319 -9.42 11.23 20.97
C ARG A 319 -7.97 11.47 21.36
N GLU A 320 -7.43 10.56 22.18
CA GLU A 320 -6.01 10.56 22.52
C GLU A 320 -5.22 9.79 21.46
N LYS A 321 -3.89 9.86 21.55
CA LYS A 321 -2.99 9.32 20.52
C LYS A 321 -3.13 7.81 20.27
N ASP A 322 -3.61 7.07 21.27
CA ASP A 322 -3.72 5.61 21.17
C ASP A 322 -5.15 5.09 21.23
N MET A 323 -6.12 6.01 21.34
CA MET A 323 -7.53 5.65 21.44
C MET A 323 -8.11 5.23 20.09
N ILE A 324 -9.07 4.30 20.13
CA ILE A 324 -9.78 3.82 18.94
C ILE A 324 -11.19 4.39 18.94
N ARG A 325 -11.72 4.65 17.74
CA ARG A 325 -13.07 5.19 17.56
C ARG A 325 -14.16 4.19 17.99
N GLY A 326 -15.40 4.69 18.10
CA GLY A 326 -16.54 3.87 18.48
C GLY A 326 -16.81 2.74 17.51
N LEU A 327 -16.92 1.53 18.05
CA LEU A 327 -17.08 0.32 17.24
C LEU A 327 -18.49 -0.22 17.26
N ASP A 328 -18.95 -0.68 16.09
CA ASP A 328 -20.24 -1.35 15.95
C ASP A 328 -20.10 -2.56 15.03
N VAL A 329 -20.30 -3.74 15.61
CA VAL A 329 -20.12 -5.01 14.90
C VAL A 329 -21.46 -5.73 14.74
N ARG A 330 -21.81 -6.07 13.51
CA ARG A 330 -23.06 -6.76 13.21
C ARG A 330 -22.92 -7.91 12.21
N THR A 331 -23.81 -8.90 12.34
CA THR A 331 -23.76 -10.12 11.56
C THR A 331 -25.17 -10.55 11.14
N GLY A 332 -25.35 -10.82 9.85
CA GLY A 332 -26.64 -11.23 9.32
C GLY A 332 -27.53 -10.05 8.96
N VAL A 333 -26.97 -9.14 8.16
CA VAL A 333 -27.65 -7.90 7.78
C VAL A 333 -28.56 -8.08 6.55
N LEU A 334 -28.17 -8.96 5.64
CA LEU A 334 -28.93 -9.20 4.42
C LEU A 334 -29.51 -10.62 4.37
N PRO A 335 -30.81 -10.74 4.02
CA PRO A 335 -31.52 -12.01 4.09
C PRO A 335 -31.28 -13.00 2.95
N ARG A 336 -30.84 -12.52 1.78
CA ARG A 336 -30.70 -13.39 0.60
C ARG A 336 -29.26 -13.80 0.27
N THR A 337 -28.30 -13.26 1.02
CA THR A 337 -26.90 -13.62 0.84
C THR A 337 -26.47 -14.69 1.84
N HIS A 338 -25.36 -15.35 1.56
CA HIS A 338 -24.88 -16.45 2.38
C HIS A 338 -24.31 -15.95 3.70
N GLY A 339 -23.41 -14.97 3.62
CA GLY A 339 -22.94 -14.27 4.80
C GLY A 339 -22.90 -12.77 4.61
N SER A 340 -23.40 -12.04 5.60
CA SER A 340 -23.36 -10.57 5.57
C SER A 340 -22.86 -9.98 6.88
N ALA A 341 -22.18 -8.85 6.78
CA ALA A 341 -21.64 -8.16 7.96
C ALA A 341 -21.61 -6.65 7.77
N LEU A 342 -21.93 -5.94 8.85
CA LEU A 342 -21.87 -4.48 8.86
C LEU A 342 -20.94 -4.00 9.97
N PHE A 343 -19.73 -3.61 9.58
CA PHE A 343 -18.72 -3.15 10.52
C PHE A 343 -18.59 -1.63 10.49
N THR A 344 -18.63 -1.02 11.66
CA THR A 344 -18.51 0.43 11.78
C THR A 344 -17.40 0.82 12.76
N ARG A 345 -16.47 1.64 12.30
CA ARG A 345 -15.39 2.15 13.13
C ARG A 345 -15.40 3.68 13.07
N GLY A 346 -16.18 4.29 13.96
CA GLY A 346 -16.35 5.74 13.99
C GLY A 346 -17.23 6.21 12.85
N GLU A 347 -16.61 6.89 11.88
CA GLU A 347 -17.30 7.35 10.69
C GLU A 347 -16.86 6.57 9.44
N THR A 348 -16.34 5.36 9.67
CA THR A 348 -15.94 4.46 8.60
C THR A 348 -16.77 3.18 8.70
N GLN A 349 -17.58 2.92 7.68
CA GLN A 349 -18.49 1.77 7.67
C GLN A 349 -18.37 0.96 6.40
N ALA A 350 -18.47 -0.37 6.53
CA ALA A 350 -18.36 -1.28 5.41
C ALA A 350 -19.41 -2.39 5.45
N LEU A 351 -20.22 -2.46 4.41
CA LEU A 351 -21.20 -3.54 4.23
C LEU A 351 -20.55 -4.66 3.42
N VAL A 352 -20.12 -5.71 4.12
CA VAL A 352 -19.35 -6.79 3.50
C VAL A 352 -20.14 -8.08 3.39
N THR A 353 -20.13 -8.69 2.21
CA THR A 353 -20.88 -9.91 1.92
C THR A 353 -19.97 -11.07 1.52
N ALA A 354 -20.45 -12.29 1.73
CA ALA A 354 -19.73 -13.50 1.35
C ALA A 354 -20.63 -14.44 0.54
N THR A 355 -20.09 -14.93 -0.57
CA THR A 355 -20.84 -15.82 -1.47
C THR A 355 -20.08 -17.12 -1.73
N LEU A 356 -20.78 -18.24 -1.60
CA LEU A 356 -20.20 -19.56 -1.80
C LEU A 356 -20.58 -20.14 -3.16
N GLY A 357 -19.60 -20.75 -3.83
CA GLY A 357 -19.82 -21.37 -5.14
C GLY A 357 -19.23 -22.76 -5.24
N THR A 358 -19.70 -23.53 -6.21
CA THR A 358 -19.22 -24.90 -6.43
C THR A 358 -18.46 -25.00 -7.75
N ASP A 374 -9.44 -18.29 -9.98
CA ASP A 374 -9.08 -18.05 -8.58
C ASP A 374 -10.18 -18.57 -7.65
N THR A 375 -9.77 -19.24 -6.58
CA THR A 375 -10.70 -19.83 -5.62
C THR A 375 -11.20 -18.83 -4.57
N PHE A 376 -10.40 -17.81 -4.30
CA PHE A 376 -10.80 -16.75 -3.37
C PHE A 376 -10.81 -15.39 -4.05
N LEU A 377 -12.01 -14.88 -4.31
CA LEU A 377 -12.19 -13.59 -4.97
C LEU A 377 -12.57 -12.51 -3.98
N PHE A 378 -11.99 -11.32 -4.17
CA PHE A 378 -12.27 -10.17 -3.32
C PHE A 378 -12.57 -8.94 -4.17
N HIS A 379 -13.75 -8.37 -3.96
CA HIS A 379 -14.15 -7.15 -4.66
C HIS A 379 -14.37 -6.00 -3.68
N TYR A 380 -13.97 -4.80 -4.10
CA TYR A 380 -14.01 -3.62 -3.25
C TYR A 380 -14.65 -2.45 -4.00
N ASN A 381 -15.74 -1.93 -3.44
CA ASN A 381 -16.46 -0.81 -4.04
C ASN A 381 -16.37 0.45 -3.18
N PHE A 382 -15.98 1.56 -3.81
CA PHE A 382 -15.90 2.85 -3.14
C PHE A 382 -16.80 3.87 -3.84
N PRO A 383 -18.09 3.92 -3.46
CA PRO A 383 -19.04 4.88 -4.03
C PRO A 383 -18.85 6.29 -3.47
N PRO A 384 -19.26 7.32 -4.23
CA PRO A 384 -19.07 8.73 -3.82
C PRO A 384 -19.85 9.16 -2.58
N TYR A 385 -20.94 8.45 -2.26
CA TYR A 385 -21.78 8.81 -1.11
C TYR A 385 -21.14 8.49 0.25
N SER A 386 -20.05 7.72 0.23
CA SER A 386 -19.32 7.34 1.44
C SER A 386 -18.68 8.54 2.13
N VAL A 387 -18.30 9.54 1.35
CA VAL A 387 -17.71 10.77 1.88
C VAL A 387 -18.68 11.95 1.82
N GLY A 388 -19.90 11.70 1.34
CA GLY A 388 -20.92 12.73 1.20
C GLY A 388 -20.70 13.59 -0.03
N GLU A 389 -20.32 12.94 -1.14
CA GLU A 389 -20.03 13.63 -2.39
C GLU A 389 -20.77 13.00 -3.57
N THR A 390 -20.76 13.68 -4.71
CA THR A 390 -21.42 13.19 -5.91
C THR A 390 -20.42 12.94 -7.04
N GLY A 391 -20.05 11.69 -7.23
CA GLY A 391 -19.10 11.32 -8.26
C GLY A 391 -19.64 10.25 -9.20
N MET A 392 -18.73 9.50 -9.81
CA MET A 392 -19.11 8.43 -10.72
C MET A 392 -19.25 7.09 -10.00
N VAL A 393 -19.88 6.13 -10.65
CA VAL A 393 -20.07 4.80 -10.07
C VAL A 393 -19.61 3.71 -11.02
N GLY A 394 -18.96 2.69 -10.48
CA GLY A 394 -18.46 1.57 -11.28
C GLY A 394 -17.02 1.72 -11.70
N SER A 395 -16.54 2.96 -11.79
CA SER A 395 -15.18 3.23 -12.21
C SER A 395 -14.20 3.17 -11.05
N PRO A 396 -13.34 2.16 -11.05
CA PRO A 396 -12.33 2.01 -10.00
C PRO A 396 -11.34 3.17 -10.02
N LYS A 397 -11.63 4.22 -9.27
CA LYS A 397 -10.77 5.39 -9.19
C LYS A 397 -9.43 5.08 -8.55
N ARG A 398 -8.49 4.49 -9.24
CA ARG A 398 -7.14 4.44 -8.70
C ARG A 398 -7.10 4.15 -7.21
N ARG A 399 -8.06 3.39 -6.73
CA ARG A 399 -8.15 3.11 -5.34
C ARG A 399 -8.62 1.68 -5.23
N GLU A 400 -9.84 1.47 -5.68
CA GLU A 400 -10.59 0.26 -5.49
C GLU A 400 -9.82 -1.02 -5.67
N ILE A 401 -8.98 -1.08 -6.68
CA ILE A 401 -8.13 -2.24 -6.97
C ILE A 401 -7.03 -2.37 -5.91
N GLY A 402 -6.50 -1.23 -5.47
CA GLY A 402 -5.43 -1.19 -4.48
C GLY A 402 -5.87 -1.58 -3.08
N HIS A 403 -6.98 -1.00 -2.63
CA HIS A 403 -7.54 -1.29 -1.30
C HIS A 403 -8.17 -2.68 -1.23
N GLY A 404 -8.67 -3.16 -2.37
CA GLY A 404 -9.29 -4.47 -2.46
C GLY A 404 -8.32 -5.61 -2.29
N ARG A 405 -7.15 -5.50 -2.93
CA ARG A 405 -6.08 -6.49 -2.80
C ARG A 405 -5.42 -6.41 -1.42
N LEU A 406 -5.40 -5.21 -0.85
CA LEU A 406 -4.90 -4.97 0.49
C LEU A 406 -5.75 -5.72 1.52
N ALA A 407 -7.07 -5.61 1.36
CA ALA A 407 -8.02 -6.29 2.24
C ALA A 407 -8.07 -7.79 1.97
N LYS A 408 -7.73 -8.19 0.74
CA LYS A 408 -7.63 -9.60 0.36
C LYS A 408 -6.44 -10.26 1.04
N ARG A 409 -5.31 -9.55 1.06
CA ARG A 409 -4.07 -10.03 1.70
C ARG A 409 -4.19 -10.14 3.22
N GLY A 410 -5.10 -9.35 3.79
CA GLY A 410 -5.37 -9.40 5.23
C GLY A 410 -6.20 -10.59 5.65
N VAL A 411 -6.92 -11.18 4.69
CA VAL A 411 -7.83 -12.29 4.97
C VAL A 411 -7.29 -13.63 4.41
N LEU A 412 -6.40 -13.55 3.43
CA LEU A 412 -5.87 -14.74 2.75
C LEU A 412 -5.14 -15.73 3.65
N ALA A 413 -4.59 -15.23 4.77
CA ALA A 413 -3.84 -16.07 5.70
C ALA A 413 -4.73 -17.03 6.50
N VAL A 414 -5.91 -16.55 6.90
CA VAL A 414 -6.83 -17.35 7.74
C VAL A 414 -7.79 -18.21 6.92
N MET A 415 -7.79 -18.02 5.59
CA MET A 415 -8.65 -18.79 4.69
C MET A 415 -8.34 -20.28 4.74
N PRO A 416 -9.40 -21.12 4.87
CA PRO A 416 -9.23 -22.58 4.99
C PRO A 416 -8.69 -23.22 3.71
N ASP A 417 -8.03 -24.37 3.88
CA ASP A 417 -7.47 -25.13 2.76
C ASP A 417 -8.57 -25.72 1.87
N MET A 418 -8.25 -25.93 0.60
CA MET A 418 -9.19 -26.49 -0.37
C MET A 418 -9.51 -27.96 -0.10
N ASP A 419 -8.68 -28.61 0.70
CA ASP A 419 -8.89 -30.01 1.09
C ASP A 419 -9.98 -30.13 2.16
N LYS A 420 -10.00 -29.18 3.09
CA LYS A 420 -11.00 -29.16 4.16
C LYS A 420 -12.27 -28.44 3.71
N PHE A 421 -12.11 -27.41 2.89
CA PHE A 421 -13.22 -26.60 2.40
C PHE A 421 -13.09 -26.33 0.91
N PRO A 422 -13.64 -27.23 0.07
CA PRO A 422 -13.51 -27.12 -1.38
C PRO A 422 -14.64 -26.30 -2.02
N TYR A 423 -14.60 -25.00 -1.79
CA TYR A 423 -15.61 -24.08 -2.35
C TYR A 423 -14.98 -22.76 -2.79
N THR A 424 -15.52 -22.20 -3.88
CA THR A 424 -15.10 -20.90 -4.37
C THR A 424 -15.82 -19.81 -3.57
N VAL A 425 -15.05 -18.96 -2.90
CA VAL A 425 -15.59 -17.91 -2.04
C VAL A 425 -15.32 -16.53 -2.60
N ARG A 426 -16.38 -15.75 -2.79
CA ARG A 426 -16.27 -14.37 -3.24
C ARG A 426 -16.73 -13.41 -2.14
N VAL A 427 -15.87 -12.43 -1.82
CA VAL A 427 -16.16 -11.45 -0.78
C VAL A 427 -16.25 -10.05 -1.37
N VAL A 428 -17.41 -9.43 -1.25
CA VAL A 428 -17.64 -8.08 -1.78
C VAL A 428 -17.84 -7.08 -0.63
N SER A 429 -17.03 -6.03 -0.62
CA SER A 429 -17.10 -5.01 0.41
C SER A 429 -17.70 -3.72 -0.12
N GLU A 430 -18.71 -3.22 0.59
CA GLU A 430 -19.38 -1.98 0.19
C GLU A 430 -19.12 -0.87 1.19
N ILE A 431 -18.31 0.12 0.79
CA ILE A 431 -17.98 1.23 1.67
C ILE A 431 -19.12 2.25 1.74
N THR A 432 -19.91 2.15 2.80
CA THR A 432 -21.04 3.07 2.99
C THR A 432 -20.61 4.38 3.65
N GLU A 433 -19.57 4.31 4.48
CA GLU A 433 -18.99 5.48 5.12
C GLU A 433 -17.46 5.40 5.10
N SER A 434 -16.81 6.53 4.86
CA SER A 434 -15.34 6.58 4.79
C SER A 434 -14.76 7.79 5.50
N ASN A 435 -13.96 7.53 6.53
CA ASN A 435 -13.26 8.58 7.27
C ASN A 435 -12.02 8.03 7.99
N GLY A 436 -11.20 7.29 7.24
CA GLY A 436 -10.02 6.66 7.81
C GLY A 436 -9.92 5.19 7.47
N SER A 437 -9.27 4.89 6.36
CA SER A 437 -8.89 3.52 6.03
C SER A 437 -10.08 2.57 5.93
N SER A 438 -10.83 2.68 4.85
CA SER A 438 -11.95 1.77 4.59
C SER A 438 -11.48 0.39 4.14
N SER A 439 -10.20 0.27 3.82
CA SER A 439 -9.61 -1.01 3.44
C SER A 439 -9.45 -1.93 4.65
N MET A 440 -9.07 -1.36 5.79
CA MET A 440 -8.91 -2.11 7.04
C MET A 440 -10.26 -2.46 7.66
N ALA A 441 -11.27 -1.65 7.37
CA ALA A 441 -12.64 -1.91 7.79
C ALA A 441 -13.24 -3.06 6.99
N SER A 442 -12.74 -3.24 5.77
CA SER A 442 -13.15 -4.34 4.89
C SER A 442 -12.58 -5.68 5.38
N VAL A 443 -11.41 -5.63 6.01
CA VAL A 443 -10.76 -6.81 6.61
C VAL A 443 -11.60 -7.32 7.78
N CYS A 444 -12.04 -6.40 8.63
CA CYS A 444 -12.90 -6.72 9.78
C CYS A 444 -14.25 -7.26 9.31
N GLY A 445 -14.82 -6.61 8.30
CA GLY A 445 -16.11 -6.99 7.74
C GLY A 445 -16.10 -8.33 7.03
N ALA A 446 -14.99 -8.65 6.38
CA ALA A 446 -14.83 -9.92 5.68
C ALA A 446 -14.81 -11.11 6.63
N SER A 447 -14.09 -10.96 7.74
CA SER A 447 -13.97 -12.00 8.76
C SER A 447 -15.33 -12.37 9.38
N LEU A 448 -16.17 -11.36 9.58
CA LEU A 448 -17.50 -11.56 10.15
C LEU A 448 -18.47 -12.14 9.11
N ALA A 449 -18.30 -11.74 7.84
CA ALA A 449 -19.13 -12.22 6.75
C ALA A 449 -18.83 -13.68 6.39
N LEU A 450 -17.56 -14.07 6.53
CA LEU A 450 -17.14 -15.45 6.29
C LEU A 450 -17.67 -16.38 7.38
N MET A 451 -17.64 -15.91 8.62
CA MET A 451 -18.18 -16.65 9.77
C MET A 451 -19.70 -16.76 9.70
N ASP A 452 -20.34 -15.75 9.09
CA ASP A 452 -21.78 -15.76 8.88
C ASP A 452 -22.18 -16.74 7.77
N ALA A 453 -21.32 -16.85 6.75
CA ALA A 453 -21.55 -17.73 5.62
C ALA A 453 -21.30 -19.20 5.99
N GLY A 454 -20.53 -19.43 7.04
CA GLY A 454 -20.19 -20.77 7.50
C GLY A 454 -18.81 -21.21 7.05
N VAL A 455 -18.02 -20.27 6.55
CA VAL A 455 -16.65 -20.54 6.11
C VAL A 455 -15.74 -20.69 7.34
N PRO A 456 -15.14 -21.89 7.50
CA PRO A 456 -14.32 -22.18 8.66
C PRO A 456 -12.92 -21.58 8.57
N ILE A 457 -12.82 -20.27 8.76
CA ILE A 457 -11.53 -19.58 8.79
C ILE A 457 -10.75 -19.95 10.06
N LYS A 458 -9.43 -20.01 9.93
CA LYS A 458 -8.55 -20.44 11.02
C LYS A 458 -8.70 -19.58 12.27
N ALA A 459 -8.77 -18.26 12.08
CA ALA A 459 -8.97 -17.31 13.17
C ALA A 459 -9.64 -16.04 12.66
N ALA A 460 -10.24 -15.29 13.58
CA ALA A 460 -10.83 -13.98 13.26
C ALA A 460 -9.74 -12.97 12.95
N VAL A 461 -10.00 -12.10 11.99
CA VAL A 461 -8.99 -11.12 11.54
C VAL A 461 -9.53 -9.69 11.52
N ALA A 462 -8.73 -8.77 12.07
CA ALA A 462 -9.07 -7.35 12.10
C ALA A 462 -7.91 -6.48 11.62
N GLY A 463 -8.23 -5.26 11.18
CA GLY A 463 -7.21 -4.34 10.68
C GLY A 463 -7.39 -2.90 11.14
N ILE A 464 -6.27 -2.17 11.17
CA ILE A 464 -6.25 -0.76 11.58
C ILE A 464 -5.23 0.05 10.78
N ALA A 465 -5.44 1.36 10.73
CA ALA A 465 -4.50 2.29 10.11
C ALA A 465 -3.81 3.15 11.17
N MET A 466 -2.50 3.30 11.03
CA MET A 466 -1.70 4.06 12.00
C MET A 466 -1.03 5.27 11.33
N GLY A 467 -0.87 6.33 12.11
CA GLY A 467 -0.23 7.55 11.62
C GLY A 467 0.95 7.96 12.48
N LEU A 468 1.81 8.82 11.92
CA LEU A 468 2.99 9.29 12.62
C LEU A 468 3.30 10.74 12.29
N VAL A 469 3.49 11.55 13.32
CA VAL A 469 3.95 12.89 13.10
C VAL A 469 5.29 12.93 13.74
N LYS A 470 6.32 13.30 12.99
CA LYS A 470 7.64 13.43 13.57
C LYS A 470 8.25 14.80 13.39
N GLU A 471 8.87 15.29 14.46
CA GLU A 471 9.50 16.60 14.47
C GLU A 471 10.80 16.48 15.20
N GLY A 472 11.87 16.52 14.44
CA GLY A 472 13.15 16.28 15.03
C GLY A 472 13.15 14.87 15.58
N ASP A 473 13.26 14.76 16.89
CA ASP A 473 13.33 13.46 17.57
C ASP A 473 12.04 13.17 18.35
N ASN A 474 11.13 14.13 18.37
CA ASN A 474 9.83 13.98 19.00
C ASN A 474 8.81 13.41 18.02
N TYR A 475 8.27 12.24 18.32
CA TYR A 475 7.32 11.56 17.45
C TYR A 475 6.08 11.07 18.21
N VAL A 476 4.94 11.08 17.53
CA VAL A 476 3.68 10.62 18.12
C VAL A 476 3.04 9.55 17.22
N VAL A 477 2.80 8.38 17.79
CA VAL A 477 2.14 7.29 17.07
C VAL A 477 0.63 7.40 17.25
N LEU A 478 -0.08 7.55 16.14
CA LEU A 478 -1.54 7.73 16.16
C LEU A 478 -2.27 6.43 15.81
N SER A 479 -3.25 6.09 16.64
CA SER A 479 -4.06 4.88 16.43
C SER A 479 -5.41 5.22 15.79
N ASP A 480 -5.80 4.43 14.80
CA ASP A 480 -7.04 4.62 14.04
C ASP A 480 -7.19 6.05 13.52
N ILE A 481 -6.37 6.39 12.52
CA ILE A 481 -6.33 7.74 11.96
C ILE A 481 -7.58 8.09 11.15
N LEU A 482 -7.93 9.38 11.17
CA LEU A 482 -9.07 9.90 10.43
C LEU A 482 -8.68 10.23 8.99
N GLY A 483 -9.66 10.68 8.20
CA GLY A 483 -9.41 11.12 6.83
C GLY A 483 -8.55 12.38 6.79
N ASP A 484 -8.79 13.29 7.72
CA ASP A 484 -8.02 14.52 7.85
C ASP A 484 -6.63 14.26 8.45
N GLU A 485 -6.54 13.28 9.33
CA GLU A 485 -5.27 12.91 9.98
C GLU A 485 -4.32 12.18 9.04
N ASP A 486 -4.80 11.73 7.90
CA ASP A 486 -3.95 11.06 6.92
C ASP A 486 -3.20 12.10 6.18
N HIS A 487 -3.94 12.96 5.53
CA HIS A 487 -3.32 13.95 4.73
C HIS A 487 -2.23 14.69 5.47
N LEU A 488 -2.31 14.77 6.79
CA LEU A 488 -1.40 15.63 7.52
C LEU A 488 -0.24 14.92 8.20
N GLY A 489 -0.38 13.63 8.40
CA GLY A 489 0.67 12.80 8.99
C GLY A 489 1.84 12.60 8.04
N ASP A 490 2.86 11.91 8.52
CA ASP A 490 4.07 11.66 7.73
C ASP A 490 4.19 10.21 7.27
N MET A 491 3.33 9.34 7.81
CA MET A 491 3.42 7.91 7.55
C MET A 491 2.06 7.21 7.66
N ASP A 492 1.64 6.59 6.55
CA ASP A 492 0.46 5.74 6.55
C ASP A 492 0.91 4.31 6.85
N PHE A 493 0.26 3.67 7.81
CA PHE A 493 0.73 2.41 8.37
C PHE A 493 -0.45 1.47 8.65
N LYS A 494 -0.67 0.50 7.77
CA LYS A 494 -1.82 -0.40 7.87
C LYS A 494 -1.41 -1.83 8.23
N VAL A 495 -1.93 -2.32 9.35
CA VAL A 495 -1.64 -3.67 9.83
C VAL A 495 -2.92 -4.49 9.96
N ALA A 496 -2.90 -5.69 9.38
CA ALA A 496 -4.02 -6.62 9.49
C ALA A 496 -3.53 -7.99 9.95
N GLY A 497 -4.29 -8.64 10.83
CA GLY A 497 -3.93 -9.96 11.34
C GLY A 497 -4.87 -10.48 12.42
N SER A 498 -4.56 -11.67 12.93
CA SER A 498 -5.34 -12.28 14.00
C SER A 498 -4.72 -11.95 15.37
N ARG A 499 -5.12 -12.70 16.39
CA ARG A 499 -4.58 -12.54 17.74
C ARG A 499 -3.18 -13.16 17.89
N ASP A 500 -2.77 -13.94 16.89
CA ASP A 500 -1.51 -14.68 16.95
C ASP A 500 -0.43 -14.18 15.99
N GLY A 501 -0.81 -13.39 15.00
CA GLY A 501 0.15 -12.86 14.03
C GLY A 501 -0.36 -11.78 13.08
N ILE A 502 0.48 -11.45 12.10
CA ILE A 502 0.16 -10.42 11.11
C ILE A 502 -0.03 -11.05 9.73
N SER A 503 -1.19 -10.80 9.12
CA SER A 503 -1.51 -11.31 7.79
C SER A 503 -1.07 -10.34 6.69
N ALA A 504 -1.28 -9.04 6.90
CA ALA A 504 -0.90 -8.01 5.95
C ALA A 504 -0.32 -6.77 6.62
N LEU A 505 0.70 -6.18 5.98
CA LEU A 505 1.35 -4.98 6.49
C LEU A 505 1.72 -4.04 5.35
N GLN A 506 1.21 -2.81 5.42
CA GLN A 506 1.46 -1.79 4.39
C GLN A 506 2.08 -0.53 4.99
N MET A 507 3.12 -0.03 4.33
CA MET A 507 3.81 1.19 4.77
C MET A 507 3.94 2.21 3.63
N ASP A 508 3.77 3.48 3.98
CA ASP A 508 4.02 4.59 3.07
C ASP A 508 4.65 5.77 3.83
N ILE A 509 5.98 5.82 3.82
CA ILE A 509 6.73 6.82 4.58
C ILE A 509 7.29 7.91 3.66
N LYS A 510 7.24 9.15 4.14
CA LYS A 510 7.70 10.31 3.37
C LYS A 510 8.86 11.04 4.03
N ILE A 511 9.29 10.56 5.21
CA ILE A 511 10.32 11.24 6.00
C ILE A 511 11.53 10.36 6.32
N GLU A 512 12.67 11.01 6.52
CA GLU A 512 13.89 10.35 6.99
C GLU A 512 13.93 10.34 8.52
N GLY A 513 14.79 9.49 9.08
CA GLY A 513 14.90 9.34 10.52
C GLY A 513 14.01 8.23 11.06
N ILE A 514 13.22 7.64 10.18
CA ILE A 514 12.36 6.50 10.52
C ILE A 514 13.20 5.24 10.70
N THR A 515 13.34 4.81 11.95
CA THR A 515 14.28 3.73 12.30
C THR A 515 13.60 2.49 12.88
N LYS A 516 14.41 1.48 13.17
CA LYS A 516 13.97 0.19 13.72
C LYS A 516 13.10 0.35 14.97
N GLU A 517 13.53 1.20 15.90
CA GLU A 517 12.85 1.38 17.18
C GLU A 517 11.49 2.06 17.05
N ILE A 518 11.43 3.14 16.27
CA ILE A 518 10.20 3.90 16.06
C ILE A 518 9.12 3.04 15.37
N MET A 519 9.54 2.25 14.39
CA MET A 519 8.64 1.32 13.70
C MET A 519 8.21 0.15 14.58
N GLN A 520 9.07 -0.21 15.54
CA GLN A 520 8.77 -1.28 16.50
C GLN A 520 7.71 -0.84 17.51
N VAL A 521 7.76 0.42 17.91
CA VAL A 521 6.77 1.02 18.81
C VAL A 521 5.45 1.23 18.06
N ALA A 522 5.56 1.58 16.77
CA ALA A 522 4.39 1.77 15.90
C ALA A 522 3.60 0.49 15.70
N LEU A 523 4.31 -0.64 15.58
CA LEU A 523 3.69 -1.95 15.44
C LEU A 523 3.08 -2.45 16.75
N ASN A 524 3.71 -2.11 17.87
CA ASN A 524 3.25 -2.50 19.19
C ASN A 524 1.93 -1.84 19.57
N GLN A 525 1.79 -0.57 19.21
CA GLN A 525 0.56 0.18 19.41
C GLN A 525 -0.53 -0.28 18.42
N ALA A 526 -0.08 -0.73 17.26
CA ALA A 526 -0.97 -1.28 16.23
C ALA A 526 -1.53 -2.64 16.63
N LYS A 527 -0.72 -3.44 17.32
CA LYS A 527 -1.11 -4.76 17.80
C LYS A 527 -2.23 -4.67 18.83
N GLY A 528 -2.09 -3.75 19.79
CA GLY A 528 -3.10 -3.50 20.80
C GLY A 528 -4.40 -2.97 20.21
N ALA A 529 -4.26 -2.12 19.20
CA ALA A 529 -5.40 -1.57 18.46
C ALA A 529 -6.16 -2.67 17.70
N ARG A 530 -5.41 -3.67 17.22
CA ARG A 530 -5.97 -4.81 16.51
C ARG A 530 -6.67 -5.77 17.48
N LEU A 531 -6.07 -5.98 18.65
CA LEU A 531 -6.61 -6.87 19.68
C LEU A 531 -7.90 -6.34 20.31
N HIS A 532 -8.02 -5.01 20.35
CA HIS A 532 -9.21 -4.35 20.89
C HIS A 532 -10.45 -4.58 20.01
N ILE A 533 -10.27 -4.45 18.70
CA ILE A 533 -11.35 -4.68 17.74
C ILE A 533 -11.73 -6.16 17.68
N LEU A 534 -10.72 -7.03 17.72
CA LEU A 534 -10.93 -8.49 17.73
C LEU A 534 -11.73 -8.95 18.94
N GLY A 535 -11.56 -8.25 20.07
CA GLY A 535 -12.32 -8.51 21.29
C GLY A 535 -13.80 -8.17 21.14
N VAL A 536 -14.07 -7.06 20.45
CA VAL A 536 -15.44 -6.64 20.17
C VAL A 536 -16.08 -7.55 19.12
N MET A 537 -15.28 -7.96 18.14
CA MET A 537 -15.72 -8.88 17.09
C MET A 537 -16.11 -10.26 17.64
N GLU A 538 -15.37 -10.72 18.65
CA GLU A 538 -15.62 -11.99 19.31
C GLU A 538 -16.91 -12.00 20.14
N GLN A 539 -17.29 -10.82 20.65
CA GLN A 539 -18.50 -10.67 21.46
C GLN A 539 -19.77 -10.87 20.63
N ALA A 540 -19.70 -10.54 19.34
CA ALA A 540 -20.81 -10.76 18.42
C ALA A 540 -20.80 -12.19 17.88
N ILE A 541 -19.73 -12.55 17.17
CA ILE A 541 -19.60 -13.89 16.60
C ILE A 541 -18.17 -14.43 16.78
N ASN A 542 -18.05 -15.74 17.01
CA ASN A 542 -16.75 -16.35 17.24
C ASN A 542 -16.49 -17.69 16.52
N ALA A 543 -17.47 -18.15 15.77
CA ALA A 543 -17.38 -19.41 15.08
C ALA A 543 -18.28 -19.37 13.86
N PRO A 544 -17.83 -19.99 12.79
CA PRO A 544 -18.57 -20.02 11.54
C PRO A 544 -19.69 -21.01 11.61
N ARG A 545 -20.93 -20.55 11.74
CA ARG A 545 -22.03 -21.47 11.65
C ARG A 545 -21.57 -22.87 12.02
N GLY B 19 -36.75 -11.86 5.28
CA GLY B 19 -37.73 -11.02 6.03
C GLY B 19 -37.51 -9.53 5.81
N ALA B 20 -36.30 -9.08 6.11
CA ALA B 20 -35.90 -7.67 5.94
C ALA B 20 -34.39 -7.53 5.88
N ALA B 21 -33.91 -6.37 5.44
CA ALA B 21 -32.48 -6.07 5.41
C ALA B 21 -32.16 -4.84 6.24
N GLY B 22 -30.89 -4.71 6.62
CA GLY B 22 -30.41 -3.56 7.39
C GLY B 22 -29.75 -3.94 8.70
N GLY B 23 -29.40 -2.92 9.49
CA GLY B 23 -28.73 -3.11 10.77
C GLY B 23 -29.63 -3.67 11.86
N HIS B 24 -30.94 -3.43 11.74
CA HIS B 24 -31.91 -3.85 12.75
C HIS B 24 -32.18 -5.36 12.74
N THR B 25 -32.01 -5.98 11.58
CA THR B 25 -32.32 -7.41 11.40
C THR B 25 -31.12 -8.32 11.66
N ALA B 26 -30.03 -7.74 12.18
CA ALA B 26 -28.80 -8.46 12.45
C ALA B 26 -28.98 -9.54 13.52
N THR B 27 -28.42 -10.73 13.24
CA THR B 27 -28.50 -11.87 14.16
C THR B 27 -27.57 -11.67 15.36
N HIS B 28 -26.35 -11.24 15.11
CA HIS B 28 -25.36 -11.00 16.16
C HIS B 28 -24.95 -9.53 16.21
N HIS B 29 -24.76 -9.01 17.41
CA HIS B 29 -24.37 -7.61 17.59
C HIS B 29 -23.47 -7.38 18.81
N ALA B 30 -22.47 -6.53 18.63
CA ALA B 30 -21.58 -6.09 19.71
C ALA B 30 -21.07 -4.68 19.44
N SER B 31 -21.10 -3.83 20.47
CA SER B 31 -20.68 -2.44 20.34
C SER B 31 -19.76 -2.00 21.48
N ALA B 32 -18.89 -1.04 21.19
CA ALA B 32 -17.96 -0.49 22.17
C ALA B 32 -17.73 1.00 21.96
N ALA B 33 -17.72 1.75 23.07
CA ALA B 33 -17.43 3.17 23.07
C ALA B 33 -15.93 3.40 22.85
N PRO B 34 -15.55 4.59 22.30
CA PRO B 34 -14.14 4.92 22.07
C PRO B 34 -13.26 4.61 23.29
N ALA B 35 -12.40 3.61 23.15
CA ALA B 35 -11.60 3.11 24.28
C ALA B 35 -10.13 2.94 23.96
N ARG B 36 -9.30 3.10 24.99
CA ARG B 36 -7.86 2.87 24.91
C ARG B 36 -7.58 1.39 25.14
N PRO B 37 -6.90 0.73 24.18
CA PRO B 37 -6.60 -0.70 24.26
C PRO B 37 -5.74 -1.10 25.47
N GLN B 38 -5.87 -2.35 25.89
CA GLN B 38 -5.11 -2.89 27.02
C GLN B 38 -3.62 -3.01 26.68
N PRO B 39 -2.74 -2.74 27.68
CA PRO B 39 -1.28 -2.82 27.49
C PRO B 39 -0.81 -4.23 27.11
#